data_4COZ
#
_entry.id   4COZ
#
_cell.length_a   41.280
_cell.length_b   61.260
_cell.length_c   106.620
_cell.angle_alpha   90.00
_cell.angle_beta   90.00
_cell.angle_gamma   90.00
#
_symmetry.space_group_name_H-M   'P 21 21 21'
#
loop_
_entity.id
_entity.type
_entity.pdbx_description
1 polymer 'EPITHELIAL ADHESIN 6'
2 branched beta-D-galactopyranose-(1-3)-2-acetamido-2-deoxy-beta-D-glucopyranose
3 non-polymer 'CALCIUM ION'
4 non-polymer 'ACETATE ION'
5 non-polymer GLYCEROL
6 water water
#
_entity_poly.entity_id   1
_entity_poly.type   'polypeptide(L)'
_entity_poly.pdbx_seq_one_letter_code
;MGSSHHHHHHSSGLVPRGSHMKDDYSSSLSNNNLGWTDPTEFPLGCSPNVTTPKNGLSMELYSYDYLKSGSNPCWDAAYL
DPNYPRTGYKSHRLLAKVENVAGNINFYYHAPMGCTSLFDTLPQAYNYRTPLTMTNFTMLLYGYFKPKVTGYHTFTISAD
DLLFVNFGAGNAFDCCKRESSADDFGNYQAYAVWGSQTAKDDLTVHLDAGLYYPIRIFFNNRDNDGALSLTLKTESDPNP
VIDFSDYFYSFDDTKDGCPGLVSYDTS
;
_entity_poly.pdbx_strand_id   A
#
loop_
_chem_comp.id
_chem_comp.type
_chem_comp.name
_chem_comp.formula
ACT non-polymer 'ACETATE ION' 'C2 H3 O2 -1'
CA non-polymer 'CALCIUM ION' 'Ca 2'
GAL D-saccharide, beta linking beta-D-galactopyranose 'C6 H12 O6'
GOL non-polymer GLYCEROL 'C3 H8 O3'
NAG D-saccharide, beta linking 2-acetamido-2-deoxy-beta-D-glucopyranose 'C8 H15 N O6'
#
# COMPACT_ATOMS: atom_id res chain seq x y z
N THR A 40 -2.38 -11.34 -12.99
CA THR A 40 -1.29 -12.35 -12.94
C THR A 40 -1.44 -13.30 -11.74
N GLU A 41 -1.74 -14.56 -12.03
CA GLU A 41 -2.05 -15.54 -10.99
C GLU A 41 -0.79 -16.10 -10.35
N PHE A 42 0.32 -16.05 -11.09
CA PHE A 42 1.63 -16.47 -10.60
C PHE A 42 2.63 -15.33 -10.64
N PRO A 43 2.51 -14.39 -9.69
CA PRO A 43 3.41 -13.23 -9.66
C PRO A 43 4.85 -13.66 -9.36
N LEU A 44 5.81 -12.90 -9.88
CA LEU A 44 7.23 -13.19 -9.65
C LEU A 44 7.65 -12.71 -8.27
N GLY A 45 8.44 -13.52 -7.59
CA GLY A 45 8.96 -13.18 -6.27
C GLY A 45 10.45 -12.92 -6.34
N CYS A 46 11.05 -12.67 -5.18
CA CYS A 46 12.46 -12.33 -5.10
C CYS A 46 13.17 -13.14 -4.03
N SER A 47 14.47 -13.31 -4.21
CA SER A 47 15.30 -14.09 -3.29
C SER A 47 16.48 -13.25 -2.83
N PRO A 48 16.24 -12.33 -1.88
CA PRO A 48 17.30 -11.42 -1.41
C PRO A 48 18.47 -12.13 -0.76
N ASN A 49 18.25 -13.33 -0.23
CA ASN A 49 19.27 -14.10 0.46
C ASN A 49 20.08 -13.20 1.42
N VAL A 50 19.34 -12.45 2.23
CA VAL A 50 19.91 -11.60 3.26
C VAL A 50 19.81 -12.37 4.59
N THR A 51 20.82 -12.20 5.43
CA THR A 51 20.91 -12.92 6.70
C THR A 51 19.67 -12.71 7.59
N THR A 52 19.44 -11.49 8.06
CA THR A 52 18.24 -11.18 8.85
C THR A 52 17.51 -10.02 8.18
N PRO A 53 16.36 -10.29 7.55
CA PRO A 53 15.62 -9.24 6.85
C PRO A 53 15.04 -8.17 7.77
N LYS A 54 14.90 -6.96 7.26
CA LYS A 54 14.32 -5.85 8.03
C LYS A 54 12.80 -5.96 8.05
N ASN A 55 12.23 -5.84 9.25
CA ASN A 55 10.81 -6.04 9.45
C ASN A 55 10.02 -4.81 9.01
N GLY A 56 8.86 -5.05 8.39
CA GLY A 56 7.94 -3.99 8.02
C GLY A 56 8.20 -3.34 6.69
N LEU A 57 7.23 -2.54 6.27
CA LEU A 57 7.33 -1.77 5.03
C LEU A 57 7.88 -0.37 5.30
N SER A 58 8.20 0.33 4.22
CA SER A 58 8.52 1.74 4.29
C SER A 58 7.25 2.48 3.97
N MET A 59 7.09 3.65 4.59
CA MET A 59 5.93 4.50 4.33
C MET A 59 6.37 5.91 3.98
N GLU A 60 5.63 6.54 3.09
CA GLU A 60 5.76 7.97 2.87
C GLU A 60 4.40 8.61 2.97
N LEU A 61 4.28 9.64 3.80
CA LEU A 61 3.07 10.44 3.91
C LEU A 61 3.24 11.77 3.17
N TYR A 62 2.18 12.21 2.49
CA TYR A 62 2.16 13.51 1.81
C TYR A 62 0.87 14.24 2.05
N SER A 63 0.93 15.57 1.99
CA SER A 63 -0.26 16.40 2.14
C SER A 63 -1.30 16.09 1.06
N TYR A 64 -2.56 16.35 1.37
CA TYR A 64 -3.62 16.36 0.37
C TYR A 64 -4.59 17.49 0.66
N ASP A 65 -4.11 18.72 0.47
CA ASP A 65 -4.88 19.91 0.85
C ASP A 65 -6.27 19.97 0.18
N TYR A 66 -7.21 20.55 0.91
CA TYR A 66 -8.48 20.91 0.32
C TYR A 66 -8.24 22.02 -0.71
N LEU A 67 -9.23 22.23 -1.58
CA LEU A 67 -9.21 23.37 -2.49
C LEU A 67 -9.53 24.62 -1.68
N LYS A 68 -9.16 25.78 -2.22
CA LYS A 68 -9.51 27.08 -1.62
C LYS A 68 -10.92 27.03 -1.03
N SER A 69 -11.10 27.69 0.11
CA SER A 69 -12.29 27.49 0.95
C SER A 69 -13.64 27.89 0.33
N GLY A 70 -13.65 28.38 -0.90
CA GLY A 70 -14.90 28.64 -1.62
C GLY A 70 -15.05 27.82 -2.89
N SER A 71 -14.40 26.66 -2.94
CA SER A 71 -14.41 25.82 -4.15
C SER A 71 -15.52 24.78 -4.13
N ASN A 72 -15.97 24.39 -5.33
CA ASN A 72 -16.95 23.33 -5.48
C ASN A 72 -16.50 22.18 -6.42
N PRO A 73 -16.41 20.95 -5.90
CA PRO A 73 -16.56 20.56 -4.50
C PRO A 73 -15.39 21.05 -3.67
N CYS A 74 -15.38 20.75 -2.37
CA CYS A 74 -14.36 21.30 -1.48
C CYS A 74 -13.02 20.56 -1.62
N TRP A 75 -13.08 19.34 -2.10
CA TRP A 75 -11.91 18.46 -2.14
C TRP A 75 -11.21 18.53 -3.49
N ASP A 76 -9.90 18.30 -3.45
CA ASP A 76 -9.05 18.24 -4.63
C ASP A 76 -9.31 16.92 -5.36
N ALA A 77 -9.54 16.98 -6.67
CA ALA A 77 -9.84 15.80 -7.47
C ALA A 77 -8.61 15.14 -8.07
N ALA A 78 -7.43 15.66 -7.73
CA ALA A 78 -6.18 15.12 -8.29
C ALA A 78 -6.00 13.63 -8.03
N TYR A 79 -6.51 13.15 -6.89
CA TYR A 79 -6.31 11.75 -6.48
C TYR A 79 -6.84 10.77 -7.55
N LEU A 80 -7.76 11.25 -8.39
CA LEU A 80 -8.30 10.46 -9.47
C LEU A 80 -7.55 10.58 -10.79
N ASP A 81 -6.54 11.47 -10.90
CA ASP A 81 -5.92 11.50 -12.18
CA ASP A 81 -5.56 11.51 -12.06
C ASP A 81 -4.94 10.22 -12.23
N PRO A 82 -4.86 9.64 -13.45
CA PRO A 82 -4.09 8.39 -13.56
C PRO A 82 -2.65 8.46 -13.03
N ASN A 83 -2.00 9.62 -13.16
CA ASN A 83 -0.61 9.78 -12.69
C ASN A 83 -0.41 10.34 -11.28
N TYR A 84 -1.49 10.62 -10.55
CA TYR A 84 -1.33 11.10 -9.18
C TYR A 84 -0.59 10.07 -8.31
N PRO A 85 -0.89 8.78 -8.49
CA PRO A 85 -0.13 7.78 -7.70
C PRO A 85 1.31 7.56 -8.18
N ARG A 86 1.67 8.10 -9.34
CA ARG A 86 2.99 7.90 -9.91
C ARG A 86 3.88 9.14 -9.72
N THR A 87 3.47 10.27 -10.29
CA THR A 87 4.26 11.52 -10.21
C THR A 87 3.61 12.61 -9.37
N GLY A 88 2.28 12.58 -9.25
CA GLY A 88 1.53 13.74 -8.79
C GLY A 88 1.66 13.98 -7.31
N TYR A 89 1.75 12.92 -6.53
CA TYR A 89 1.83 13.06 -5.08
C TYR A 89 3.10 13.80 -4.68
N LYS A 90 4.13 13.70 -5.52
CA LYS A 90 5.40 14.39 -5.29
C LYS A 90 5.30 15.91 -5.38
N SER A 91 4.21 16.44 -5.93
CA SER A 91 3.98 17.89 -5.98
C SER A 91 3.36 18.40 -4.69
N HIS A 92 2.90 17.48 -3.83
CA HIS A 92 2.39 17.83 -2.50
C HIS A 92 3.54 17.87 -1.49
N ARG A 93 3.25 18.25 -0.26
CA ARG A 93 4.29 18.35 0.76
C ARG A 93 4.60 17.00 1.37
N LEU A 94 5.88 16.66 1.45
CA LEU A 94 6.33 15.47 2.16
C LEU A 94 6.11 15.70 3.64
N LEU A 95 5.33 14.81 4.25
CA LEU A 95 5.10 14.87 5.68
C LEU A 95 6.11 14.02 6.43
N ALA A 96 6.43 12.83 5.90
CA ALA A 96 7.42 11.96 6.53
C ALA A 96 7.75 10.73 5.68
N LYS A 97 8.95 10.21 5.92
CA LYS A 97 9.37 8.91 5.44
C LYS A 97 9.63 8.08 6.68
N VAL A 98 8.91 6.96 6.79
CA VAL A 98 8.90 6.13 7.99
C VAL A 98 9.28 4.72 7.57
N GLU A 99 9.92 3.98 8.48
CA GLU A 99 10.32 2.60 8.22
C GLU A 99 9.68 1.66 9.25
N ASN A 100 9.76 0.37 8.97
CA ASN A 100 9.27 -0.69 9.86
C ASN A 100 7.77 -0.64 10.13
N VAL A 101 6.99 -0.41 9.08
CA VAL A 101 5.53 -0.42 9.22
C VAL A 101 5.07 -1.88 9.18
N ALA A 102 4.51 -2.35 10.28
CA ALA A 102 4.11 -3.74 10.38
C ALA A 102 3.10 -3.93 11.49
N GLY A 103 2.13 -4.80 11.23
CA GLY A 103 1.05 -5.06 12.16
C GLY A 103 -0.25 -5.00 11.39
N ASN A 104 -1.32 -4.68 12.11
CA ASN A 104 -2.61 -4.39 11.54
C ASN A 104 -2.67 -2.93 11.07
N ILE A 105 -2.70 -2.74 9.75
CA ILE A 105 -2.67 -1.40 9.16
C ILE A 105 -4.06 -0.88 8.83
N ASN A 106 -5.07 -1.64 9.21
CA ASN A 106 -6.45 -1.29 8.90
C ASN A 106 -6.96 -0.23 9.86
N PHE A 107 -7.77 0.68 9.34
CA PHE A 107 -8.37 1.68 10.19
C PHE A 107 -9.65 2.21 9.57
N TYR A 108 -10.52 2.69 10.44
CA TYR A 108 -11.62 3.53 10.05
C TYR A 108 -11.50 4.84 10.82
N TYR A 109 -11.48 5.94 10.09
CA TYR A 109 -11.46 7.25 10.70
C TYR A 109 -12.77 7.96 10.39
N HIS A 110 -13.51 8.29 11.46
CA HIS A 110 -14.74 9.06 11.32
C HIS A 110 -14.48 10.54 11.56
N ALA A 111 -14.64 11.34 10.52
CA ALA A 111 -14.47 12.80 10.63
C ALA A 111 -15.68 13.42 11.33
N PRO A 112 -15.44 14.26 12.37
CA PRO A 112 -16.55 14.97 13.02
C PRO A 112 -17.38 15.81 12.05
N MET A 113 -16.73 16.35 11.01
CA MET A 113 -17.47 17.01 9.95
C MET A 113 -16.73 16.98 8.62
N GLY A 114 -17.48 17.20 7.55
CA GLY A 114 -16.96 17.16 6.18
C GLY A 114 -16.38 18.48 5.74
N CYS A 115 -15.64 18.46 4.63
CA CYS A 115 -15.03 19.66 4.06
C CYS A 115 -14.23 20.49 5.11
N THR A 116 -13.60 19.79 6.04
CA THR A 116 -12.85 20.41 7.11
C THR A 116 -11.61 19.56 7.37
N SER A 117 -10.45 20.19 7.35
CA SER A 117 -9.22 19.49 7.63
C SER A 117 -9.06 19.36 9.14
N LEU A 118 -9.06 18.12 9.61
CA LEU A 118 -9.04 17.82 11.03
C LEU A 118 -7.92 16.85 11.32
N PHE A 119 -7.40 16.90 12.54
CA PHE A 119 -6.19 16.18 12.90
C PHE A 119 -6.48 15.05 13.87
N ASP A 120 -5.80 13.93 13.66
CA ASP A 120 -5.99 12.75 14.47
C ASP A 120 -4.81 11.83 14.16
N THR A 121 -4.81 10.62 14.70
CA THR A 121 -3.63 9.77 14.60
C THR A 121 -3.86 8.45 13.89
N LEU A 122 -2.82 7.97 13.24
CA LEU A 122 -2.84 6.65 12.59
C LEU A 122 -2.71 5.55 13.66
N PRO A 123 -3.10 4.32 13.32
CA PRO A 123 -2.86 3.19 14.20
C PRO A 123 -1.35 2.99 14.49
N GLN A 124 -1.07 2.37 15.63
CA GLN A 124 0.30 2.10 16.10
C GLN A 124 1.21 1.47 15.04
N ALA A 125 0.68 0.52 14.27
CA ALA A 125 1.45 -0.21 13.27
C ALA A 125 2.23 0.69 12.31
N TYR A 126 1.69 1.90 12.06
CA TYR A 126 2.28 2.83 11.10
C TYR A 126 3.53 3.55 11.60
N ASN A 127 3.89 3.39 12.86
CA ASN A 127 5.10 4.04 13.37
C ASN A 127 5.13 5.55 13.28
N TYR A 128 3.95 6.16 13.37
CA TYR A 128 3.81 7.59 13.16
C TYR A 128 2.77 8.06 14.16
N ARG A 129 3.27 8.71 15.21
CA ARG A 129 2.49 8.96 16.42
C ARG A 129 1.87 10.34 16.48
N THR A 130 2.39 11.27 15.69
CA THR A 130 1.93 12.65 15.77
C THR A 130 0.65 12.83 14.96
N PRO A 131 -0.19 13.79 15.37
CA PRO A 131 -1.40 14.07 14.62
C PRO A 131 -1.11 14.53 13.21
N LEU A 132 -1.98 14.12 12.29
CA LEU A 132 -1.92 14.56 10.92
C LEU A 132 -3.34 14.75 10.47
N THR A 133 -3.50 15.30 9.27
CA THR A 133 -4.81 15.57 8.69
C THR A 133 -5.46 14.28 8.19
N MET A 134 -6.11 13.56 9.11
CA MET A 134 -6.69 12.25 8.78
C MET A 134 -7.87 12.37 7.80
N THR A 135 -8.47 13.55 7.77
CA THR A 135 -9.52 13.86 6.80
C THR A 135 -9.01 13.97 5.36
N ASN A 136 -7.75 14.30 5.19
CA ASN A 136 -7.24 14.57 3.84
C ASN A 136 -5.74 14.40 3.74
N PHE A 137 -5.32 13.24 3.25
CA PHE A 137 -3.91 12.94 3.11
C PHE A 137 -3.65 11.85 2.09
N THR A 138 -2.39 11.76 1.69
CA THR A 138 -1.92 10.75 0.77
C THR A 138 -0.91 9.89 1.51
N MET A 139 -0.90 8.59 1.21
CA MET A 139 0.00 7.65 1.86
C MET A 139 0.42 6.53 0.92
N LEU A 140 1.73 6.35 0.83
CA LEU A 140 2.36 5.32 0.01
C LEU A 140 3.08 4.32 0.93
N LEU A 141 2.87 3.04 0.69
CA LEU A 141 3.60 1.98 1.38
C LEU A 141 4.25 1.08 0.36
N TYR A 142 5.49 0.71 0.60
CA TYR A 142 6.17 -0.23 -0.28
C TYR A 142 7.10 -1.13 0.50
N GLY A 143 7.39 -2.29 -0.08
CA GLY A 143 8.29 -3.26 0.53
C GLY A 143 8.03 -4.63 -0.06
N TYR A 144 8.12 -5.64 0.77
CA TYR A 144 7.97 -7.01 0.31
C TYR A 144 7.03 -7.79 1.23
N PHE A 145 6.18 -8.62 0.61
CA PHE A 145 5.31 -9.53 1.31
C PHE A 145 5.92 -10.95 1.25
N LYS A 146 6.12 -11.58 2.41
CA LYS A 146 6.58 -12.98 2.46
C LYS A 146 5.50 -13.90 3.01
N PRO A 147 5.11 -14.93 2.24
CA PRO A 147 4.12 -15.86 2.73
C PRO A 147 4.68 -16.80 3.81
N LYS A 148 3.82 -17.27 4.70
CA LYS A 148 4.18 -18.30 5.69
C LYS A 148 4.02 -19.70 5.13
N VAL A 149 3.04 -19.89 4.25
CA VAL A 149 2.73 -21.18 3.68
C VAL A 149 2.52 -21.01 2.18
N THR A 150 3.05 -21.95 1.40
CA THR A 150 2.88 -21.92 -0.04
C THR A 150 1.42 -22.21 -0.38
N GLY A 151 0.89 -21.51 -1.38
CA GLY A 151 -0.44 -21.78 -1.90
C GLY A 151 -1.15 -20.52 -2.35
N TYR A 152 -2.45 -20.65 -2.62
CA TYR A 152 -3.25 -19.52 -3.07
C TYR A 152 -3.54 -18.55 -1.93
N HIS A 153 -3.34 -17.27 -2.22
CA HIS A 153 -3.59 -16.17 -1.29
C HIS A 153 -4.56 -15.19 -1.92
N THR A 154 -5.59 -14.82 -1.17
CA THR A 154 -6.53 -13.82 -1.61
C THR A 154 -6.41 -12.60 -0.71
N PHE A 155 -5.84 -11.53 -1.26
CA PHE A 155 -5.81 -10.23 -0.60
C PHE A 155 -7.06 -9.48 -0.96
N THR A 156 -7.74 -8.94 0.05
CA THR A 156 -8.96 -8.19 -0.17
C THR A 156 -8.80 -6.79 0.39
N ILE A 157 -9.30 -5.81 -0.36
CA ILE A 157 -9.14 -4.42 -0.02
C ILE A 157 -10.42 -3.62 -0.15
N SER A 158 -10.55 -2.65 0.73
CA SER A 158 -11.60 -1.65 0.65
C SER A 158 -11.05 -0.36 1.22
N ALA A 159 -11.55 0.77 0.70
CA ALA A 159 -10.96 2.05 1.04
C ALA A 159 -11.90 3.23 0.92
N ASP A 160 -11.62 4.23 1.72
CA ASP A 160 -12.22 5.56 1.57
C ASP A 160 -11.04 6.50 1.75
N ASP A 161 -10.53 7.12 0.67
CA ASP A 161 -11.19 7.15 -0.65
C ASP A 161 -10.59 6.21 -1.67
N LEU A 162 -9.31 5.87 -1.51
CA LEU A 162 -8.60 5.19 -2.57
C LEU A 162 -7.54 4.28 -2.05
N LEU A 163 -7.44 3.09 -2.65
CA LEU A 163 -6.36 2.14 -2.36
C LEU A 163 -5.99 1.41 -3.63
N PHE A 164 -4.74 1.57 -4.06
CA PHE A 164 -4.25 0.91 -5.27
C PHE A 164 -3.11 0.02 -4.88
N VAL A 165 -3.19 -1.25 -5.28
CA VAL A 165 -2.17 -2.24 -4.93
C VAL A 165 -1.50 -2.83 -6.17
N ASN A 166 -0.18 -2.75 -6.18
CA ASN A 166 0.65 -3.47 -7.11
C ASN A 166 1.29 -4.62 -6.35
N PHE A 167 1.45 -5.74 -7.01
CA PHE A 167 1.99 -6.93 -6.35
C PHE A 167 2.84 -7.72 -7.33
N GLY A 168 4.03 -8.11 -6.90
CA GLY A 168 4.93 -8.95 -7.68
C GLY A 168 6.04 -8.16 -8.35
N ALA A 169 7.15 -8.82 -8.62
CA ALA A 169 8.28 -8.20 -9.31
C ALA A 169 7.87 -7.70 -10.70
N GLY A 170 8.41 -6.56 -11.10
CA GLY A 170 8.01 -5.93 -12.35
C GLY A 170 6.78 -5.07 -12.13
N ASN A 171 5.66 -5.73 -11.79
CA ASN A 171 4.42 -5.03 -11.52
C ASN A 171 4.52 -3.97 -10.41
N ALA A 172 5.06 -4.33 -9.25
CA ALA A 172 5.30 -3.34 -8.18
C ALA A 172 6.65 -2.67 -8.40
N PHE A 173 7.72 -3.45 -8.32
CA PHE A 173 9.06 -2.98 -8.64
C PHE A 173 9.97 -4.20 -8.78
N ASP A 174 11.18 -3.97 -9.27
CA ASP A 174 12.11 -5.05 -9.58
C ASP A 174 12.82 -5.49 -8.32
N CYS A 175 13.18 -6.78 -8.27
CA CYS A 175 13.80 -7.39 -7.10
C CYS A 175 15.13 -6.74 -6.72
N CYS A 176 15.20 -6.19 -5.51
CA CYS A 176 16.39 -5.52 -5.00
C CYS A 176 16.86 -4.47 -5.99
N LYS A 177 15.89 -3.84 -6.65
CA LYS A 177 16.12 -2.75 -7.59
C LYS A 177 14.94 -1.77 -7.48
N ARG A 178 14.52 -1.50 -6.24
CA ARG A 178 13.32 -0.71 -5.98
C ARG A 178 13.49 0.75 -6.42
N GLU A 179 14.60 1.36 -6.06
CA GLU A 179 14.84 2.78 -6.36
C GLU A 179 14.84 3.08 -7.87
N SER A 180 15.49 2.23 -8.65
CA SER A 180 15.55 2.41 -10.11
C SER A 180 14.27 2.01 -10.86
N SER A 181 13.34 1.30 -10.19
CA SER A 181 12.08 0.91 -10.81
C SER A 181 10.87 1.51 -10.08
N ALA A 182 11.14 2.42 -9.13
CA ALA A 182 10.13 2.90 -8.20
C ALA A 182 8.86 3.41 -8.90
N ASP A 183 9.03 4.25 -9.92
CA ASP A 183 7.92 4.92 -10.61
C ASP A 183 7.38 4.15 -11.83
N ASP A 184 7.84 2.91 -12.02
CA ASP A 184 7.55 2.16 -13.26
C ASP A 184 6.56 1.02 -13.04
N PHE A 185 5.80 1.08 -11.95
CA PHE A 185 4.82 0.06 -11.63
C PHE A 185 3.72 -0.02 -12.69
N GLY A 186 3.25 -1.24 -12.95
CA GLY A 186 2.25 -1.46 -13.98
C GLY A 186 0.81 -1.44 -13.47
N ASN A 187 -0.05 -2.19 -14.17
CA ASN A 187 -1.49 -2.20 -13.88
C ASN A 187 -1.75 -2.68 -12.47
N TYR A 188 -2.70 -2.04 -11.80
CA TYR A 188 -2.97 -2.37 -10.41
C TYR A 188 -3.52 -3.77 -10.33
N GLN A 189 -3.01 -4.54 -9.37
CA GLN A 189 -3.48 -5.90 -9.16
C GLN A 189 -4.75 -5.90 -8.34
N ALA A 190 -4.95 -4.82 -7.59
CA ALA A 190 -6.24 -4.55 -6.97
C ALA A 190 -6.38 -3.04 -6.85
N TYR A 191 -7.62 -2.56 -6.92
CA TYR A 191 -7.92 -1.12 -6.81
C TYR A 191 -9.31 -0.94 -6.26
N ALA A 192 -9.47 0.05 -5.40
CA ALA A 192 -10.77 0.35 -4.78
C ALA A 192 -10.91 1.84 -4.61
N VAL A 193 -12.05 2.37 -5.04
CA VAL A 193 -12.30 3.79 -4.91
C VAL A 193 -13.68 4.00 -4.32
N TRP A 194 -13.72 4.72 -3.21
CA TRP A 194 -14.98 5.08 -2.58
C TRP A 194 -15.93 5.73 -3.59
N GLY A 195 -17.17 5.27 -3.58
CA GLY A 195 -18.22 5.86 -4.39
C GLY A 195 -18.30 5.38 -5.83
N SER A 196 -17.41 4.47 -6.23
CA SER A 196 -17.40 3.96 -7.61
C SER A 196 -17.96 2.53 -7.68
N GLN A 197 -18.03 2.00 -8.89
CA GLN A 197 -18.50 0.62 -9.10
C GLN A 197 -17.45 -0.45 -8.79
N THR A 198 -16.27 -0.04 -8.37
CA THR A 198 -15.30 -0.96 -7.74
C THR A 198 -14.74 -0.29 -6.46
N ALA A 199 -15.51 -0.41 -5.38
CA ALA A 199 -15.16 0.15 -4.06
C ALA A 199 -14.49 -0.89 -3.17
N LYS A 200 -14.53 -2.14 -3.62
CA LYS A 200 -13.88 -3.26 -2.96
C LYS A 200 -13.33 -4.15 -4.05
N ASP A 201 -12.15 -4.72 -3.81
CA ASP A 201 -11.49 -5.53 -4.82
C ASP A 201 -10.69 -6.63 -4.15
N ASP A 202 -10.32 -7.63 -4.93
CA ASP A 202 -9.41 -8.65 -4.44
C ASP A 202 -8.45 -9.15 -5.50
N LEU A 203 -7.46 -9.88 -5.01
CA LEU A 203 -6.38 -10.40 -5.81
C LEU A 203 -6.15 -11.79 -5.28
N THR A 204 -6.34 -12.79 -6.12
CA THR A 204 -6.05 -14.17 -5.76
C THR A 204 -4.81 -14.63 -6.48
N VAL A 205 -3.76 -14.93 -5.73
CA VAL A 205 -2.48 -15.29 -6.32
C VAL A 205 -1.88 -16.52 -5.66
N HIS A 206 -1.23 -17.35 -6.47
CA HIS A 206 -0.46 -18.44 -5.96
C HIS A 206 0.93 -17.94 -5.56
N LEU A 207 1.27 -18.13 -4.29
CA LEU A 207 2.52 -17.66 -3.73
C LEU A 207 3.32 -18.78 -3.08
N ASP A 208 4.64 -18.58 -3.09
CA ASP A 208 5.58 -19.50 -2.46
C ASP A 208 6.18 -18.90 -1.19
N ALA A 209 6.14 -19.66 -0.11
CA ALA A 209 6.71 -19.25 1.17
C ALA A 209 8.20 -18.94 1.09
N GLY A 210 8.89 -19.49 0.10
CA GLY A 210 10.30 -19.22 -0.10
C GLY A 210 10.65 -17.82 -0.60
N LEU A 211 9.67 -17.13 -1.17
CA LEU A 211 9.94 -15.87 -1.86
C LEU A 211 9.37 -14.64 -1.14
N TYR A 212 10.02 -13.50 -1.41
CA TYR A 212 9.57 -12.19 -0.94
C TYR A 212 9.01 -11.42 -2.14
N TYR A 213 7.75 -10.98 -2.02
CA TYR A 213 7.04 -10.38 -3.14
C TYR A 213 6.96 -8.86 -3.04
N PRO A 214 7.50 -8.16 -4.04
CA PRO A 214 7.34 -6.73 -4.06
C PRO A 214 5.87 -6.34 -3.97
N ILE A 215 5.59 -5.36 -3.11
CA ILE A 215 4.23 -4.85 -2.93
C ILE A 215 4.29 -3.34 -2.81
N ARG A 216 3.26 -2.69 -3.35
CA ARG A 216 3.14 -1.24 -3.30
C ARG A 216 1.69 -0.95 -3.04
N ILE A 217 1.43 -0.15 -2.02
CA ILE A 217 0.08 0.19 -1.59
C ILE A 217 -0.03 1.72 -1.53
N PHE A 218 -0.93 2.27 -2.33
CA PHE A 218 -1.12 3.70 -2.43
C PHE A 218 -2.52 4.05 -1.95
N PHE A 219 -2.60 4.96 -0.99
CA PHE A 219 -3.85 5.33 -0.35
C PHE A 219 -4.08 6.83 -0.45
N ASN A 220 -5.34 7.24 -0.57
CA ASN A 220 -5.70 8.65 -0.46
C ASN A 220 -7.02 8.84 0.28
N ASN A 221 -7.06 9.81 1.18
CA ASN A 221 -8.31 10.36 1.67
C ASN A 221 -8.40 11.78 1.14
N ARG A 222 -9.47 12.06 0.40
CA ARG A 222 -9.68 13.39 -0.19
C ARG A 222 -10.41 14.33 0.77
N ASP A 223 -11.12 13.77 1.74
CA ASP A 223 -12.10 14.53 2.51
C ASP A 223 -12.84 13.61 3.49
N ASN A 224 -13.18 14.14 4.66
CA ASN A 224 -14.15 13.51 5.55
C ASN A 224 -13.61 12.17 6.05
N ASP A 225 -14.44 11.14 6.10
CA ASP A 225 -14.01 9.84 6.59
C ASP A 225 -12.87 9.25 5.78
N GLY A 226 -11.99 8.55 6.48
CA GLY A 226 -10.89 7.80 5.87
C GLY A 226 -10.93 6.36 6.34
N ALA A 227 -10.66 5.42 5.45
CA ALA A 227 -10.65 4.02 5.84
C ALA A 227 -9.78 3.19 4.92
N LEU A 228 -9.12 2.22 5.53
CA LEU A 228 -8.24 1.31 4.82
C LEU A 228 -8.44 -0.07 5.39
N SER A 229 -8.76 -1.03 4.53
CA SER A 229 -8.86 -2.42 4.95
C SER A 229 -8.09 -3.29 3.98
N LEU A 230 -7.07 -3.97 4.50
CA LEU A 230 -6.39 -5.05 3.81
C LEU A 230 -6.55 -6.30 4.68
N THR A 231 -7.03 -7.37 4.06
CA THR A 231 -7.07 -8.68 4.72
C THR A 231 -6.50 -9.71 3.80
N LEU A 232 -6.12 -10.86 4.37
CA LEU A 232 -5.57 -11.97 3.60
C LEU A 232 -6.26 -13.30 3.96
N LYS A 233 -6.67 -14.02 2.92
CA LYS A 233 -7.32 -15.31 3.07
C LYS A 233 -6.51 -16.37 2.31
N THR A 234 -6.07 -17.41 3.01
CA THR A 234 -5.37 -18.53 2.38
C THR A 234 -6.25 -19.77 2.45
N GLU A 235 -5.95 -20.78 1.62
CA GLU A 235 -6.68 -22.05 1.67
C GLU A 235 -6.42 -22.84 2.97
N SER A 236 -5.39 -22.43 3.73
CA SER A 236 -5.03 -23.06 5.01
C SER A 236 -5.93 -22.60 6.17
N ASP A 237 -5.83 -21.33 6.55
CA ASP A 237 -6.55 -20.78 7.71
C ASP A 237 -8.06 -20.76 7.49
N PRO A 238 -8.84 -20.67 8.59
CA PRO A 238 -10.29 -20.57 8.48
C PRO A 238 -10.82 -19.13 8.46
N ASN A 239 -10.01 -18.16 8.90
CA ASN A 239 -10.44 -16.77 8.97
C ASN A 239 -9.43 -15.82 8.32
N PRO A 240 -9.89 -14.62 7.93
CA PRO A 240 -8.99 -13.60 7.40
C PRO A 240 -7.83 -13.24 8.33
N VAL A 241 -6.65 -13.06 7.75
CA VAL A 241 -5.50 -12.49 8.44
C VAL A 241 -5.55 -10.98 8.25
N ILE A 242 -5.44 -10.25 9.35
CA ILE A 242 -5.46 -8.79 9.35
C ILE A 242 -4.24 -8.17 10.04
N ASP A 243 -3.42 -9.00 10.68
CA ASP A 243 -2.19 -8.56 11.32
C ASP A 243 -1.01 -9.05 10.48
N PHE A 244 -0.34 -8.12 9.80
CA PHE A 244 0.73 -8.47 8.84
C PHE A 244 2.14 -8.33 9.41
N SER A 245 2.25 -8.43 10.73
CA SER A 245 3.55 -8.32 11.44
C SER A 245 4.65 -9.20 10.87
N ASP A 246 4.35 -10.49 10.68
CA ASP A 246 5.34 -11.47 10.21
C ASP A 246 5.38 -11.61 8.68
N TYR A 247 4.70 -10.71 7.99
CA TYR A 247 4.52 -10.79 6.54
C TYR A 247 5.23 -9.68 5.77
N PHE A 248 5.39 -8.51 6.38
CA PHE A 248 5.97 -7.35 5.70
C PHE A 248 7.45 -7.21 6.01
N TYR A 249 8.26 -7.05 4.96
CA TYR A 249 9.71 -6.89 5.06
C TYR A 249 10.26 -5.81 4.12
N SER A 250 11.47 -5.34 4.42
CA SER A 250 12.19 -4.39 3.58
C SER A 250 13.61 -4.89 3.31
N PHE A 251 14.10 -4.63 2.10
CA PHE A 251 15.40 -5.08 1.64
C PHE A 251 16.10 -3.97 0.89
N ASP A 252 17.38 -3.80 1.17
CA ASP A 252 18.20 -2.85 0.44
C ASP A 252 18.38 -3.30 -0.98
N ASP A 253 18.42 -2.33 -1.89
CA ASP A 253 18.73 -2.60 -3.28
C ASP A 253 20.17 -3.08 -3.43
N THR A 254 20.41 -3.90 -4.44
CA THR A 254 21.73 -4.41 -4.74
C THR A 254 22.02 -4.11 -6.20
N LYS A 255 23.29 -4.19 -6.58
CA LYS A 255 23.71 -3.86 -7.93
C LYS A 255 23.18 -4.85 -8.96
N ASP A 256 23.22 -6.13 -8.63
CA ASP A 256 22.79 -7.19 -9.54
C ASP A 256 21.33 -7.61 -9.36
N GLY A 257 20.69 -7.15 -8.30
CA GLY A 257 19.30 -7.52 -8.03
C GLY A 257 19.19 -8.91 -7.43
N CYS A 258 17.97 -9.33 -7.12
CA CYS A 258 17.75 -10.58 -6.41
C CYS A 258 16.52 -11.32 -6.97
N PRO A 259 16.56 -11.66 -8.27
CA PRO A 259 15.46 -12.40 -8.88
C PRO A 259 15.12 -13.68 -8.11
N GLY A 260 13.85 -14.05 -8.11
CA GLY A 260 13.38 -15.19 -7.33
C GLY A 260 13.95 -16.50 -7.86
N LEU A 261 14.28 -17.41 -6.95
CA LEU A 261 14.95 -18.67 -7.30
C LEU A 261 14.03 -19.89 -7.11
N VAL A 262 12.72 -19.61 -7.16
CA VAL A 262 11.68 -20.61 -7.21
C VAL A 262 10.88 -20.34 -8.48
N SER A 263 10.76 -21.34 -9.33
CA SER A 263 10.04 -21.21 -10.60
C SER A 263 9.31 -22.52 -10.91
N TYR A 264 8.12 -22.42 -11.51
CA TYR A 264 7.26 -23.60 -11.73
C TYR A 264 6.84 -23.83 -13.20
N ASP A 265 7.31 -22.99 -14.12
CA ASP A 265 6.79 -22.92 -15.51
C ASP A 265 5.57 -23.80 -15.79
C1 NAG B . -21.44 14.74 2.28
C2 NAG B . -20.23 13.94 1.75
C3 NAG B . -18.99 14.22 2.60
C4 NAG B . -18.85 15.73 2.68
C5 NAG B . -20.01 16.36 3.46
C6 NAG B . -20.35 17.78 2.99
C7 NAG B . -21.14 11.93 0.62
C8 NAG B . -21.13 12.61 -0.73
N2 NAG B . -20.70 12.57 1.72
O1 NAG B . -21.90 15.57 1.24
O3 NAG B . -17.77 13.78 2.05
O4 NAG B . -17.61 16.13 3.24
O5 NAG B . -21.17 15.52 3.44
O6 NAG B . -19.85 18.75 3.90
O7 NAG B . -21.55 10.76 0.71
C1 GAL B . -17.65 12.42 1.62
C2 GAL B . -16.17 12.34 1.22
C3 GAL B . -15.78 10.95 0.76
C4 GAL B . -16.19 9.93 1.81
C5 GAL B . -17.67 10.12 2.20
C6 GAL B . -18.19 9.13 3.24
O2 GAL B . -15.89 13.31 0.24
O3 GAL B . -14.39 10.90 0.63
O4 GAL B . -15.26 9.99 2.88
O5 GAL B . -17.94 11.45 2.62
O6 GAL B . -19.59 9.24 3.30
CA CA C . -12.98 10.28 2.38
C ACT D . -1.23 19.92 -1.67
O ACT D . -1.46 19.14 -0.71
OXT ACT D . -0.11 20.52 -1.84
CH3 ACT D . -2.30 20.20 -2.66
C1 GOL E . -10.33 23.14 5.02
O1 GOL E . -10.91 23.18 6.33
C2 GOL E . -11.02 24.05 4.01
O2 GOL E . -11.15 25.40 4.50
C3 GOL E . -12.41 23.53 3.67
O3 GOL E . -12.80 24.07 2.40
#